data_6QFD
#
_entry.id   6QFD
#
_cell.length_a   46.805
_cell.length_b   83.995
_cell.length_c   88.876
_cell.angle_alpha   81.530
_cell.angle_beta   86.180
_cell.angle_gamma   74.480
#
_symmetry.space_group_name_H-M   'P 1'
#
loop_
_entity.id
_entity.type
_entity.pdbx_description
1 polymer 'DNA-binding protein'
2 polymer 'DNA (28-MER)'
3 polymer 'DNA (28-MER)'
4 non-polymer 'SULFATE ION'
5 non-polymer 'MANGANESE (II) ION'
6 water water
#
loop_
_entity_poly.entity_id
_entity_poly.type
_entity_poly.pdbx_seq_one_letter_code
_entity_poly.pdbx_strand_id
1 'polypeptide(L)'
;PDARSDARDLTAFQKNILTVLGEEARYGLAIKRELEEYYGEEVNHGRLYPNLDDLVNKGLVEKSELDKRTNEYALTNEGF
DAVVDDLEWTLSKFVADADRRERVETIVADDAAALE
;
A,B,C,D
2 'polydeoxyribonucleotide'
;(DA)(DC)(DC)(DA)(DC)(DA)(DT)(DG)(DT)(DC)(DA)(DA)(DC)(DG)(DC)(DG)(DT)(DT)(DT)(DA)
(DC)(DA)(DC)(DT)(DT)(DC)(DG)(DG)
;
E,G
3 'polydeoxyribonucleotide'
;(DC)(DC)(DG)(DA)(DA)(DG)(DT)(DG)(DT)(DA)(DA)(DA)(DC)(DG)(DC)(DG)(DT)(DT)(DG)(DA)
(DC)(DA)(DT)(DG)(DT)(DG)(DG)(DT)
;
F,H
#
# COMPACT_ATOMS: atom_id res chain seq x y z
N ASP A 2 -20.79 -24.51 9.65
CA ASP A 2 -19.67 -24.61 8.72
C ASP A 2 -19.13 -23.22 8.39
N ALA A 3 -17.80 -23.11 8.35
CA ALA A 3 -17.18 -21.81 8.16
C ALA A 3 -17.52 -21.20 6.81
N ARG A 4 -17.79 -22.05 5.80
CA ARG A 4 -18.08 -21.53 4.47
C ARG A 4 -19.40 -20.75 4.45
N SER A 5 -20.43 -21.27 5.12
CA SER A 5 -21.78 -20.72 5.01
C SER A 5 -21.87 -19.30 5.53
N ASP A 6 -21.00 -18.93 6.49
CA ASP A 6 -20.98 -17.57 6.99
C ASP A 6 -20.20 -16.65 6.05
N ALA A 7 -19.03 -17.10 5.61
CA ALA A 7 -18.13 -16.23 4.85
C ALA A 7 -18.69 -15.86 3.48
N ARG A 8 -19.43 -16.77 2.85
CA ARG A 8 -19.82 -16.56 1.45
C ARG A 8 -20.73 -15.34 1.31
N ASP A 9 -21.68 -15.17 2.23
CA ASP A 9 -22.71 -14.15 2.05
C ASP A 9 -22.16 -12.74 2.25
N LEU A 10 -21.19 -12.57 3.16
CA LEU A 10 -20.81 -11.22 3.55
C LEU A 10 -20.31 -10.42 2.36
N THR A 11 -20.47 -9.10 2.48
CA THR A 11 -20.01 -8.17 1.46
C THR A 11 -18.51 -7.94 1.58
N ALA A 12 -17.95 -7.26 0.58
CA ALA A 12 -16.52 -6.94 0.63
C ALA A 12 -16.19 -6.04 1.81
N PHE A 13 -17.02 -5.02 2.05
CA PHE A 13 -16.78 -4.12 3.17
C PHE A 13 -16.67 -4.88 4.48
N GLN A 14 -17.57 -5.83 4.69
CA GLN A 14 -17.64 -6.59 5.91
C GLN A 14 -16.47 -7.52 6.06
N LYS A 15 -16.06 -8.23 5.00
CA LYS A 15 -14.89 -9.10 5.08
C LYS A 15 -13.64 -8.30 5.36
N ASN A 16 -13.56 -7.08 4.82
CA ASN A 16 -12.44 -6.20 5.14
C ASN A 16 -12.42 -5.86 6.63
N ILE A 17 -13.61 -5.71 7.23
CA ILE A 17 -13.71 -5.49 8.67
C ILE A 17 -13.12 -6.67 9.41
N LEU A 18 -13.48 -7.90 9.01
CA LEU A 18 -13.00 -9.09 9.68
C LEU A 18 -11.51 -9.29 9.45
N THR A 19 -11.02 -8.98 8.25
CA THR A 19 -9.59 -9.03 7.99
C THR A 19 -8.85 -8.09 8.93
N VAL A 20 -9.35 -6.86 9.09
CA VAL A 20 -8.76 -5.91 10.02
C VAL A 20 -8.75 -6.50 11.43
N LEU A 21 -9.88 -7.06 11.86
CA LEU A 21 -9.96 -7.60 13.21
C LEU A 21 -9.11 -8.86 13.36
N GLY A 22 -8.89 -9.60 12.28
CA GLY A 22 -8.02 -10.76 12.35
C GLY A 22 -6.60 -10.40 12.73
N GLU A 23 -6.20 -9.17 12.45
CA GLU A 23 -4.87 -8.70 12.87
C GLU A 23 -4.87 -8.38 14.36
N GLU A 24 -5.94 -7.77 14.86
CA GLU A 24 -5.99 -7.29 16.23
C GLU A 24 -7.39 -6.77 16.51
N ALA A 25 -7.85 -6.95 17.75
CA ALA A 25 -9.09 -6.32 18.18
C ALA A 25 -8.88 -4.83 18.36
N ARG A 26 -9.86 -4.04 17.92
CA ARG A 26 -9.74 -2.60 17.92
C ARG A 26 -11.09 -1.98 18.24
N TYR A 27 -11.07 -0.68 18.53
CA TYR A 27 -12.30 0.06 18.73
C TYR A 27 -12.75 0.66 17.40
N GLY A 28 -13.98 1.15 17.39
CA GLY A 28 -14.67 1.51 16.16
C GLY A 28 -13.87 2.41 15.23
N LEU A 29 -13.47 3.59 15.71
CA LEU A 29 -12.77 4.53 14.84
C LEU A 29 -11.39 4.03 14.43
N ALA A 30 -10.82 3.09 15.18
CA ALA A 30 -9.56 2.48 14.76
C ALA A 30 -9.77 1.58 13.54
N ILE A 31 -10.85 0.79 13.54
CA ILE A 31 -11.23 0.06 12.35
C ILE A 31 -11.45 1.01 11.19
N LYS A 32 -12.12 2.13 11.46
CA LYS A 32 -12.40 3.11 10.41
C LYS A 32 -11.12 3.60 9.75
N ARG A 33 -10.14 4.02 10.57
CA ARG A 33 -8.91 4.57 10.01
C ARG A 33 -8.16 3.54 9.19
N GLU A 34 -8.15 2.28 9.63
CA GLU A 34 -7.44 1.24 8.90
C GLU A 34 -8.12 0.94 7.57
N LEU A 35 -9.45 1.02 7.52
CA LEU A 35 -10.12 0.85 6.23
C LEU A 35 -9.94 2.09 5.36
N GLU A 36 -9.85 3.27 5.95
CA GLU A 36 -9.56 4.47 5.16
C GLU A 36 -8.17 4.40 4.55
N GLU A 37 -7.22 3.76 5.22
CA GLU A 37 -5.90 3.56 4.63
C GLU A 37 -5.95 2.51 3.54
N TYR A 38 -6.84 1.53 3.66
CA TYR A 38 -6.98 0.50 2.63
C TYR A 38 -7.67 1.07 1.39
N TYR A 39 -8.86 1.64 1.57
CA TYR A 39 -9.60 2.17 0.44
C TYR A 39 -8.97 3.43 -0.15
N GLY A 40 -8.14 4.14 0.60
CA GLY A 40 -7.68 5.44 0.16
C GLY A 40 -8.79 6.44 0.01
N GLU A 41 -9.88 6.25 0.76
CA GLU A 41 -11.04 7.11 0.71
C GLU A 41 -11.56 7.29 2.14
N GLU A 42 -12.29 8.37 2.36
CA GLU A 42 -12.96 8.55 3.64
C GLU A 42 -14.07 7.50 3.80
N VAL A 43 -14.13 6.89 4.97
CA VAL A 43 -15.11 5.86 5.27
C VAL A 43 -16.14 6.45 6.22
N ASN A 44 -17.40 6.50 5.80
CA ASN A 44 -18.44 7.09 6.64
C ASN A 44 -18.71 6.21 7.85
N HIS A 45 -18.63 6.80 9.05
CA HIS A 45 -18.95 6.05 10.25
C HIS A 45 -20.39 5.59 10.26
N GLY A 46 -21.29 6.35 9.64
CA GLY A 46 -22.66 5.90 9.47
C GLY A 46 -22.78 4.62 8.68
N ARG A 47 -21.74 4.25 7.94
CA ARG A 47 -21.68 2.97 7.24
C ARG A 47 -21.03 1.90 8.09
N LEU A 48 -20.03 2.27 8.89
CA LEU A 48 -19.26 1.29 9.62
C LEU A 48 -20.06 0.69 10.77
N TYR A 49 -20.63 1.53 11.62
CA TYR A 49 -21.28 1.04 12.83
C TYR A 49 -22.43 0.08 12.51
N PRO A 50 -23.34 0.40 11.57
CA PRO A 50 -24.33 -0.62 11.18
C PRO A 50 -23.70 -1.93 10.75
N ASN A 51 -22.56 -1.88 10.06
CA ASN A 51 -21.95 -3.10 9.54
C ASN A 51 -21.31 -3.92 10.65
N LEU A 52 -20.65 -3.27 11.60
CA LEU A 52 -20.11 -4.01 12.74
C LEU A 52 -21.23 -4.66 13.54
N ASP A 53 -22.30 -3.91 13.80
CA ASP A 53 -23.43 -4.47 14.53
C ASP A 53 -24.03 -5.65 13.77
N ASP A 54 -24.20 -5.51 12.47
CA ASP A 54 -24.74 -6.63 11.69
C ASP A 54 -23.83 -7.85 11.79
N LEU A 55 -22.51 -7.64 11.78
CA LEU A 55 -21.59 -8.75 11.96
C LEU A 55 -21.69 -9.36 13.35
N VAL A 56 -22.17 -8.60 14.33
CA VAL A 56 -22.38 -9.16 15.66
C VAL A 56 -23.60 -10.05 15.68
N ASN A 57 -24.70 -9.60 15.08
CA ASN A 57 -25.90 -10.43 15.00
C ASN A 57 -25.66 -11.71 14.21
N LYS A 58 -24.66 -11.73 13.34
CA LYS A 58 -24.28 -12.93 12.62
C LYS A 58 -23.31 -13.80 13.43
N GLY A 59 -22.93 -13.36 14.63
CA GLY A 59 -22.09 -14.16 15.50
C GLY A 59 -20.63 -14.22 15.13
N LEU A 60 -20.16 -13.31 14.27
CA LEU A 60 -18.78 -13.30 13.82
C LEU A 60 -17.93 -12.24 14.51
N VAL A 61 -18.54 -11.32 15.23
CA VAL A 61 -17.82 -10.26 15.94
C VAL A 61 -18.45 -10.08 17.31
N GLU A 62 -17.60 -9.93 18.33
CA GLU A 62 -18.05 -9.64 19.69
C GLU A 62 -17.82 -8.17 19.98
N LYS A 63 -18.83 -7.52 20.55
CA LYS A 63 -18.79 -6.10 20.88
C LYS A 63 -18.65 -5.99 22.40
N SER A 64 -17.47 -5.57 22.86
CA SER A 64 -17.20 -5.41 24.27
C SER A 64 -17.08 -3.94 24.62
N GLU A 65 -17.08 -3.68 25.93
CA GLU A 65 -17.02 -2.32 26.46
C GLU A 65 -15.59 -2.01 26.88
N LEU A 66 -15.02 -0.95 26.29
CA LEU A 66 -13.70 -0.46 26.68
C LEU A 66 -13.84 0.74 27.61
N ASP A 67 -14.44 1.82 27.11
CA ASP A 67 -15.01 2.89 27.93
C ASP A 67 -16.52 2.86 27.70
N LYS A 68 -17.24 3.70 28.44
CA LYS A 68 -18.67 3.83 28.18
C LYS A 68 -18.97 4.85 27.09
N ARG A 69 -17.94 5.31 26.37
CA ARG A 69 -18.09 5.92 25.06
C ARG A 69 -17.38 5.15 23.97
N THR A 70 -16.58 4.14 24.31
CA THR A 70 -15.79 3.40 23.34
C THR A 70 -16.12 1.91 23.44
N ASN A 71 -16.28 1.28 22.28
CA ASN A 71 -16.47 -0.15 22.18
C ASN A 71 -15.22 -0.77 21.58
N GLU A 72 -14.86 -1.97 22.03
CA GLU A 72 -13.83 -2.77 21.38
C GLU A 72 -14.49 -3.93 20.64
N TYR A 73 -14.14 -4.09 19.38
CA TYR A 73 -14.70 -5.12 18.52
C TYR A 73 -13.63 -6.17 18.26
N ALA A 74 -13.99 -7.44 18.42
CA ALA A 74 -13.05 -8.53 18.24
C ALA A 74 -13.73 -9.67 17.49
N LEU A 75 -12.92 -10.50 16.84
CA LEU A 75 -13.44 -11.65 16.13
C LEU A 75 -13.87 -12.73 17.10
N THR A 76 -15.10 -13.21 16.95
CA THR A 76 -15.50 -14.44 17.60
C THR A 76 -14.78 -15.61 16.94
N ASN A 77 -14.78 -16.76 17.63
CA ASN A 77 -14.21 -17.96 17.03
C ASN A 77 -14.89 -18.26 15.69
N GLU A 78 -16.17 -17.94 15.56
CA GLU A 78 -16.87 -18.14 14.31
C GLU A 78 -16.38 -17.17 13.23
N GLY A 79 -16.16 -15.91 13.61
CA GLY A 79 -15.64 -14.95 12.66
C GLY A 79 -14.25 -15.33 12.17
N PHE A 80 -13.42 -15.87 13.06
CA PHE A 80 -12.09 -16.33 12.65
C PHE A 80 -12.19 -17.45 11.63
N ASP A 81 -13.04 -18.45 11.91
CA ASP A 81 -13.24 -19.53 10.95
C ASP A 81 -13.72 -19.02 9.60
N ALA A 82 -14.51 -17.95 9.60
CA ALA A 82 -14.91 -17.32 8.34
C ALA A 82 -13.68 -16.75 7.63
N VAL A 83 -12.83 -16.03 8.36
CA VAL A 83 -11.61 -15.48 7.77
C VAL A 83 -10.75 -16.60 7.20
N VAL A 84 -10.56 -17.67 7.97
CA VAL A 84 -9.68 -18.74 7.54
C VAL A 84 -10.24 -19.45 6.30
N ASP A 85 -11.56 -19.61 6.25
CA ASP A 85 -12.15 -20.31 5.12
C ASP A 85 -11.98 -19.54 3.82
N ASP A 86 -12.23 -18.23 3.84
CA ASP A 86 -12.01 -17.42 2.65
C ASP A 86 -10.54 -17.43 2.24
N LEU A 87 -9.64 -17.36 3.22
CA LEU A 87 -8.21 -17.50 2.95
C LEU A 87 -7.92 -18.82 2.26
N GLU A 88 -8.55 -19.90 2.73
CA GLU A 88 -8.31 -21.22 2.16
C GLU A 88 -8.83 -21.30 0.73
N TRP A 89 -9.95 -20.66 0.44
CA TRP A 89 -10.50 -20.71 -0.92
C TRP A 89 -9.63 -19.94 -1.89
N THR A 90 -9.27 -18.70 -1.55
CA THR A 90 -8.40 -17.91 -2.42
C THR A 90 -7.09 -18.66 -2.68
N LEU A 91 -6.49 -19.22 -1.64
CA LEU A 91 -5.24 -19.96 -1.81
C LEU A 91 -5.45 -21.22 -2.63
N SER A 92 -6.57 -21.92 -2.41
CA SER A 92 -6.84 -23.14 -3.16
C SER A 92 -6.86 -22.87 -4.66
N LYS A 93 -7.25 -21.66 -5.06
CA LYS A 93 -7.33 -21.32 -6.47
C LYS A 93 -6.13 -20.56 -6.93
N PHE A 94 -5.32 -20.00 -6.03
CA PHE A 94 -4.11 -19.30 -6.42
C PHE A 94 -2.93 -20.23 -6.60
N VAL A 95 -2.72 -21.14 -5.64
CA VAL A 95 -1.63 -22.11 -5.72
C VAL A 95 -1.94 -23.12 -6.81
N ALA A 96 -1.77 -22.71 -8.06
CA ALA A 96 -2.06 -23.56 -9.21
C ALA A 96 -0.82 -24.21 -9.80
N ASP A 97 0.37 -23.81 -9.37
CA ASP A 97 1.61 -24.43 -9.84
C ASP A 97 2.71 -24.07 -8.86
N ALA A 98 3.94 -24.48 -9.19
CA ALA A 98 5.05 -24.32 -8.26
C ALA A 98 5.42 -22.85 -8.08
N ASP A 99 5.42 -22.07 -9.17
CA ASP A 99 5.76 -20.66 -9.05
C ASP A 99 4.75 -19.92 -8.19
N ARG A 100 3.47 -20.24 -8.34
CA ARG A 100 2.45 -19.63 -7.49
C ARG A 100 2.71 -19.93 -6.02
N ARG A 101 3.05 -21.17 -5.70
CA ARG A 101 3.35 -21.52 -4.32
C ARG A 101 4.53 -20.72 -3.80
N GLU A 102 5.65 -20.76 -4.52
CA GLU A 102 6.84 -20.05 -4.04
C GLU A 102 6.57 -18.56 -3.92
N ARG A 103 5.67 -18.01 -4.74
CA ARG A 103 5.27 -16.62 -4.56
C ARG A 103 4.59 -16.42 -3.21
N VAL A 104 3.64 -17.30 -2.86
CA VAL A 104 2.96 -17.18 -1.58
C VAL A 104 3.94 -17.39 -0.43
N GLU A 105 4.91 -18.29 -0.61
CA GLU A 105 5.89 -18.54 0.44
C GLU A 105 6.72 -17.30 0.74
N THR A 106 7.10 -16.56 -0.29
CA THR A 106 7.90 -15.35 -0.07
C THR A 106 7.06 -14.24 0.57
N ILE A 107 5.80 -14.11 0.15
CA ILE A 107 4.90 -13.18 0.82
C ILE A 107 4.84 -13.50 2.31
N VAL A 108 4.51 -14.75 2.64
CA VAL A 108 4.34 -15.13 4.04
C VAL A 108 5.65 -14.94 4.80
N ALA A 109 6.78 -15.23 4.16
CA ALA A 109 8.06 -15.06 4.83
C ALA A 109 8.36 -13.58 5.09
N ASP A 110 8.02 -12.71 4.13
CA ASP A 110 8.20 -11.27 4.34
C ASP A 110 7.29 -10.76 5.45
N ASP A 111 6.02 -11.20 5.44
CA ASP A 111 5.09 -10.87 6.52
C ASP A 111 5.67 -11.27 7.87
N ALA A 112 6.21 -12.49 7.98
CA ALA A 112 6.75 -12.97 9.26
C ALA A 112 7.94 -12.11 9.71
N ALA A 113 8.83 -11.71 8.78
CA ALA A 113 9.98 -10.86 9.10
C ALA A 113 9.57 -9.45 9.53
N ALA A 114 8.40 -8.98 9.12
CA ALA A 114 7.87 -7.68 9.53
C ALA A 114 7.44 -7.66 10.99
N LEU A 115 7.15 -8.83 11.57
CA LEU A 115 6.75 -8.96 12.97
C LEU A 115 7.86 -8.52 13.91
N GLU A 116 9.11 -8.69 13.58
CA GLU A 116 9.95 -7.71 14.25
C GLU A 116 10.99 -7.16 13.31
N PRO B 1 -0.74 1.06 -15.29
CA PRO B 1 -1.98 0.76 -14.59
C PRO B 1 -1.75 -0.03 -13.30
N ASP B 2 -2.06 0.56 -12.15
CA ASP B 2 -1.91 -0.12 -10.87
C ASP B 2 -3.18 -0.89 -10.56
N ALA B 3 -3.04 -2.19 -10.28
CA ALA B 3 -4.20 -3.02 -9.97
C ALA B 3 -4.81 -2.64 -8.64
N ARG B 4 -4.02 -2.07 -7.72
CA ARG B 4 -4.57 -1.61 -6.45
C ARG B 4 -5.60 -0.51 -6.67
N SER B 5 -5.30 0.44 -7.56
CA SER B 5 -6.21 1.55 -7.81
C SER B 5 -7.55 1.11 -8.35
N ASP B 6 -7.65 -0.11 -8.89
CA ASP B 6 -8.84 -0.56 -9.59
C ASP B 6 -9.54 -1.74 -8.93
N ALA B 7 -8.90 -2.42 -7.97
CA ALA B 7 -9.43 -3.67 -7.45
C ALA B 7 -9.87 -3.63 -6.00
N ARG B 8 -9.66 -2.51 -5.29
CA ARG B 8 -10.07 -2.43 -3.90
C ARG B 8 -11.52 -1.99 -3.77
N ASP B 9 -12.11 -1.43 -4.82
CA ASP B 9 -13.50 -1.00 -4.78
C ASP B 9 -14.45 -2.04 -5.38
N LEU B 10 -13.93 -3.17 -5.85
CA LEU B 10 -14.76 -4.21 -6.44
C LEU B 10 -15.63 -4.88 -5.39
N THR B 11 -16.75 -5.45 -5.82
CA THR B 11 -17.66 -6.12 -4.92
C THR B 11 -17.14 -7.52 -4.64
N ALA B 12 -17.68 -8.16 -3.60
CA ALA B 12 -17.27 -9.53 -3.29
C ALA B 12 -17.48 -10.46 -4.48
N PHE B 13 -18.60 -10.29 -5.19
CA PHE B 13 -18.87 -11.09 -6.38
C PHE B 13 -17.76 -10.94 -7.41
N GLN B 14 -17.43 -9.69 -7.74
CA GLN B 14 -16.40 -9.44 -8.75
C GLN B 14 -15.06 -10.00 -8.31
N LYS B 15 -14.69 -9.83 -7.05
CA LYS B 15 -13.41 -10.34 -6.57
C LYS B 15 -13.37 -11.85 -6.60
N ASN B 16 -14.50 -12.50 -6.32
CA ASN B 16 -14.56 -13.96 -6.42
C ASN B 16 -14.36 -14.42 -7.86
N ILE B 17 -14.90 -13.66 -8.83
CA ILE B 17 -14.69 -14.00 -10.23
C ILE B 17 -13.21 -13.97 -10.56
N LEU B 18 -12.51 -12.91 -10.14
CA LEU B 18 -11.08 -12.82 -10.38
C LEU B 18 -10.34 -13.99 -9.75
N THR B 19 -10.71 -14.35 -8.52
CA THR B 19 -10.05 -15.49 -7.90
C THR B 19 -10.28 -16.76 -8.72
N VAL B 20 -11.51 -17.00 -9.17
CA VAL B 20 -11.76 -18.17 -10.02
C VAL B 20 -10.85 -18.15 -11.24
N LEU B 21 -10.77 -17.00 -11.91
CA LEU B 21 -9.92 -16.88 -13.09
C LEU B 21 -8.43 -16.97 -12.73
N GLY B 22 -8.07 -16.70 -11.48
CA GLY B 22 -6.68 -16.86 -11.08
C GLY B 22 -6.21 -18.29 -11.19
N GLU B 23 -7.13 -19.26 -11.08
CA GLU B 23 -6.77 -20.66 -11.27
C GLU B 23 -6.48 -20.95 -12.73
N GLU B 24 -7.41 -20.60 -13.62
CA GLU B 24 -7.21 -20.78 -15.05
C GLU B 24 -8.33 -20.05 -15.79
N ALA B 25 -8.05 -19.67 -17.03
CA ALA B 25 -9.06 -19.04 -17.87
C ALA B 25 -10.22 -20.00 -18.11
N ARG B 26 -11.43 -19.43 -18.19
CA ARG B 26 -12.63 -20.24 -18.29
C ARG B 26 -13.66 -19.51 -19.14
N TYR B 27 -14.52 -20.28 -19.79
CA TYR B 27 -15.65 -19.69 -20.50
C TYR B 27 -16.78 -19.39 -19.51
N GLY B 28 -17.70 -18.54 -19.95
CA GLY B 28 -18.69 -17.95 -19.07
C GLY B 28 -19.34 -18.89 -18.08
N LEU B 29 -20.05 -19.91 -18.58
CA LEU B 29 -20.81 -20.78 -17.70
C LEU B 29 -19.92 -21.64 -16.81
N ALA B 30 -18.66 -21.86 -17.20
CA ALA B 30 -17.74 -22.56 -16.31
C ALA B 30 -17.43 -21.72 -15.09
N ILE B 31 -17.28 -20.41 -15.27
CA ILE B 31 -17.14 -19.50 -14.14
C ILE B 31 -18.38 -19.56 -13.26
N LYS B 32 -19.56 -19.50 -13.89
CA LYS B 32 -20.81 -19.58 -13.14
C LYS B 32 -20.83 -20.81 -12.25
N ARG B 33 -20.43 -21.96 -12.79
CA ARG B 33 -20.48 -23.21 -12.02
C ARG B 33 -19.54 -23.14 -10.82
N GLU B 34 -18.32 -22.66 -11.01
CA GLU B 34 -17.38 -22.62 -9.90
C GLU B 34 -17.79 -21.59 -8.86
N LEU B 35 -18.40 -20.48 -9.28
CA LEU B 35 -18.99 -19.56 -8.32
C LEU B 35 -20.15 -20.23 -7.58
N GLU B 36 -20.99 -20.97 -8.31
CA GLU B 36 -22.09 -21.68 -7.67
C GLU B 36 -21.58 -22.69 -6.65
N GLU B 37 -20.44 -23.33 -6.94
CA GLU B 37 -19.87 -24.28 -5.98
C GLU B 37 -19.40 -23.55 -4.73
N TYR B 38 -18.87 -22.33 -4.88
CA TYR B 38 -18.40 -21.59 -3.71
C TYR B 38 -19.56 -21.06 -2.89
N TYR B 39 -20.61 -20.55 -3.55
CA TYR B 39 -21.73 -19.95 -2.85
C TYR B 39 -22.72 -20.97 -2.31
N GLY B 40 -22.65 -22.22 -2.76
CA GLY B 40 -23.64 -23.21 -2.38
C GLY B 40 -25.02 -22.97 -2.92
N GLU B 41 -25.21 -21.94 -3.74
CA GLU B 41 -26.50 -21.60 -4.31
C GLU B 41 -26.35 -21.46 -5.81
N GLU B 42 -27.43 -21.06 -6.47
CA GLU B 42 -27.44 -20.84 -7.91
C GLU B 42 -27.02 -19.43 -8.15
N VAL B 43 -26.21 -19.20 -9.19
CA VAL B 43 -25.76 -17.88 -9.58
C VAL B 43 -26.44 -17.54 -10.89
N ASN B 44 -27.21 -16.46 -10.91
CA ASN B 44 -27.94 -16.06 -12.11
C ASN B 44 -26.96 -15.54 -13.16
N HIS B 45 -27.06 -16.08 -14.38
CA HIS B 45 -26.18 -15.63 -15.45
C HIS B 45 -26.43 -14.16 -15.78
N GLY B 46 -27.64 -13.67 -15.54
CA GLY B 46 -27.91 -12.25 -15.69
C GLY B 46 -27.13 -11.37 -14.75
N ARG B 47 -26.52 -11.95 -13.71
CA ARG B 47 -25.60 -11.25 -12.83
C ARG B 47 -24.15 -11.44 -13.26
N LEU B 48 -23.82 -12.63 -13.75
CA LEU B 48 -22.44 -12.94 -14.10
C LEU B 48 -21.96 -12.07 -15.27
N TYR B 49 -22.61 -12.20 -16.42
CA TYR B 49 -22.09 -11.57 -17.63
C TYR B 49 -21.91 -10.07 -17.48
N PRO B 50 -22.88 -9.29 -16.99
CA PRO B 50 -22.61 -7.86 -16.79
C PRO B 50 -21.44 -7.59 -15.86
N ASN B 51 -21.19 -8.45 -14.86
CA ASN B 51 -20.05 -8.26 -13.98
C ASN B 51 -18.75 -8.65 -14.67
N LEU B 52 -18.78 -9.69 -15.51
CA LEU B 52 -17.63 -9.97 -16.37
C LEU B 52 -17.35 -8.81 -17.31
N ASP B 53 -18.41 -8.20 -17.85
CA ASP B 53 -18.25 -7.06 -18.74
C ASP B 53 -17.64 -5.87 -18.01
N ASP B 54 -18.01 -5.68 -16.74
CA ASP B 54 -17.41 -4.61 -15.95
C ASP B 54 -15.93 -4.86 -15.72
N LEU B 55 -15.58 -6.07 -15.28
CA LEU B 55 -14.17 -6.41 -15.08
C LEU B 55 -13.37 -6.22 -16.37
N VAL B 56 -14.00 -6.45 -17.52
CA VAL B 56 -13.29 -6.28 -18.79
C VAL B 56 -13.01 -4.80 -19.01
N ASN B 57 -14.01 -3.96 -18.72
CA ASN B 57 -13.91 -2.53 -18.95
C ASN B 57 -12.97 -1.90 -17.94
N LYS B 58 -12.78 -2.53 -16.78
CA LYS B 58 -11.84 -2.03 -15.78
C LYS B 58 -10.40 -2.43 -16.11
N GLY B 59 -10.19 -3.28 -17.10
CA GLY B 59 -8.89 -3.70 -17.51
C GLY B 59 -8.38 -4.92 -16.79
N LEU B 60 -9.22 -5.61 -16.01
CA LEU B 60 -8.79 -6.76 -15.21
C LEU B 60 -9.08 -8.10 -15.86
N VAL B 61 -9.91 -8.13 -16.91
CA VAL B 61 -10.28 -9.38 -17.58
C VAL B 61 -10.30 -9.14 -19.08
N GLU B 62 -9.84 -10.13 -19.84
CA GLU B 62 -9.90 -10.10 -21.29
C GLU B 62 -11.00 -11.05 -21.78
N LYS B 63 -11.75 -10.60 -22.78
CA LYS B 63 -12.84 -11.38 -23.36
C LYS B 63 -12.45 -11.77 -24.78
N SER B 64 -12.16 -13.06 -24.97
CA SER B 64 -11.89 -13.65 -26.27
C SER B 64 -13.03 -14.61 -26.64
N GLU B 65 -13.05 -15.02 -27.91
CA GLU B 65 -14.07 -15.92 -28.42
C GLU B 65 -13.46 -17.27 -28.72
N LEU B 66 -13.99 -18.33 -28.08
CA LEU B 66 -13.60 -19.69 -28.43
C LEU B 66 -14.29 -20.11 -29.72
N ASP B 67 -15.59 -20.34 -29.66
CA ASP B 67 -16.45 -20.41 -30.84
C ASP B 67 -17.44 -19.25 -30.75
N LYS B 68 -18.13 -18.98 -31.85
CA LYS B 68 -18.88 -17.73 -31.95
C LYS B 68 -20.19 -17.73 -31.15
N ARG B 69 -20.37 -18.70 -30.24
CA ARG B 69 -21.36 -18.58 -29.18
C ARG B 69 -20.72 -18.60 -27.80
N THR B 70 -19.43 -18.93 -27.70
CA THR B 70 -18.74 -19.09 -26.43
C THR B 70 -17.59 -18.10 -26.35
N ASN B 71 -17.47 -17.42 -25.21
CA ASN B 71 -16.35 -16.53 -24.94
C ASN B 71 -15.47 -17.15 -23.86
N GLU B 72 -14.16 -16.95 -24.00
CA GLU B 72 -13.21 -17.34 -22.96
C GLU B 72 -12.78 -16.10 -22.20
N TYR B 73 -12.97 -16.11 -20.89
CA TYR B 73 -12.56 -15.01 -20.03
C TYR B 73 -11.28 -15.39 -19.29
N ALA B 74 -10.37 -14.43 -19.19
CA ALA B 74 -9.07 -14.67 -18.57
C ALA B 74 -8.60 -13.38 -17.93
N LEU B 75 -7.71 -13.51 -16.95
CA LEU B 75 -7.15 -12.35 -16.29
C LEU B 75 -6.13 -11.66 -17.19
N THR B 76 -6.20 -10.33 -17.25
CA THR B 76 -5.11 -9.56 -17.80
C THR B 76 -3.95 -9.56 -16.80
N ASN B 77 -2.82 -8.97 -17.21
CA ASN B 77 -1.73 -8.80 -16.27
C ASN B 77 -2.17 -7.95 -15.08
N GLU B 78 -2.97 -6.91 -15.34
CA GLU B 78 -3.51 -6.12 -14.23
C GLU B 78 -4.48 -6.95 -13.39
N GLY B 79 -5.20 -7.87 -14.01
CA GLY B 79 -6.10 -8.73 -13.25
C GLY B 79 -5.34 -9.64 -12.29
N PHE B 80 -4.23 -10.21 -12.76
CA PHE B 80 -3.42 -11.05 -11.87
C PHE B 80 -2.81 -10.22 -10.76
N ASP B 81 -2.33 -9.01 -11.09
CA ASP B 81 -1.82 -8.12 -10.06
C ASP B 81 -2.90 -7.81 -9.02
N ALA B 82 -4.15 -7.68 -9.47
CA ALA B 82 -5.25 -7.45 -8.54
C ALA B 82 -5.43 -8.63 -7.60
N VAL B 83 -5.35 -9.85 -8.13
CA VAL B 83 -5.48 -11.04 -7.29
C VAL B 83 -4.34 -11.13 -6.30
N VAL B 84 -3.12 -10.83 -6.75
CA VAL B 84 -1.96 -10.88 -5.86
C VAL B 84 -2.08 -9.81 -4.78
N ASP B 85 -2.44 -8.59 -5.18
CA ASP B 85 -2.55 -7.50 -4.22
C ASP B 85 -3.56 -7.82 -3.13
N ASP B 86 -4.71 -8.38 -3.50
CA ASP B 86 -5.72 -8.73 -2.50
C ASP B 86 -5.19 -9.81 -1.55
N LEU B 87 -4.41 -10.76 -2.08
CA LEU B 87 -3.88 -11.81 -1.23
C LEU B 87 -2.81 -11.27 -0.29
N GLU B 88 -1.98 -10.34 -0.78
CA GLU B 88 -0.95 -9.77 0.09
C GLU B 88 -1.55 -8.94 1.21
N TRP B 89 -2.71 -8.32 0.99
N TRP B 89 -2.70 -8.32 0.99
CA TRP B 89 -3.38 -7.58 2.04
CA TRP B 89 -3.35 -7.59 2.07
C TRP B 89 -4.02 -8.52 3.06
C TRP B 89 -3.98 -8.56 3.08
N THR B 90 -4.73 -9.55 2.58
CA THR B 90 -5.31 -10.54 3.46
C THR B 90 -4.24 -11.17 4.34
N LEU B 91 -3.10 -11.54 3.74
CA LEU B 91 -2.04 -12.20 4.49
C LEU B 91 -1.37 -11.24 5.46
N SER B 92 -1.12 -10.01 5.03
CA SER B 92 -0.46 -9.04 5.90
C SER B 92 -1.23 -8.84 7.19
N LYS B 93 -2.55 -9.05 7.17
CA LYS B 93 -3.36 -8.93 8.37
C LYS B 93 -3.57 -10.28 9.08
N PHE B 94 -3.44 -11.39 8.35
CA PHE B 94 -3.64 -12.70 8.96
C PHE B 94 -2.38 -13.20 9.65
N VAL B 95 -1.22 -13.01 9.01
CA VAL B 95 0.05 -13.47 9.59
C VAL B 95 0.43 -12.54 10.73
N ALA B 96 -0.21 -12.72 11.89
CA ALA B 96 0.03 -11.87 13.04
C ALA B 96 0.97 -12.50 14.07
N ASP B 97 1.21 -13.80 13.99
CA ASP B 97 2.13 -14.48 14.89
C ASP B 97 2.57 -15.77 14.21
N ALA B 98 3.43 -16.52 14.90
CA ALA B 98 3.99 -17.72 14.29
C ALA B 98 2.93 -18.78 14.03
N ASP B 99 1.96 -18.92 14.95
CA ASP B 99 0.91 -19.91 14.75
C ASP B 99 0.09 -19.59 13.50
N ARG B 100 -0.26 -18.32 13.32
CA ARG B 100 -0.95 -17.91 12.10
C ARG B 100 -0.13 -18.25 10.87
N ARG B 101 1.19 -18.02 10.92
CA ARG B 101 2.02 -18.27 9.76
C ARG B 101 2.01 -19.74 9.37
N GLU B 102 2.29 -20.62 10.33
CA GLU B 102 2.37 -22.05 10.02
C GLU B 102 1.03 -22.59 9.57
N ARG B 103 -0.05 -21.98 10.05
CA ARG B 103 -1.34 -22.33 9.54
C ARG B 103 -1.38 -22.09 8.06
N VAL B 104 -0.92 -20.92 7.59
CA VAL B 104 -0.88 -20.65 6.16
C VAL B 104 0.04 -21.63 5.46
N GLU B 105 1.15 -21.99 6.11
CA GLU B 105 2.12 -22.87 5.48
C GLU B 105 1.53 -24.25 5.22
N THR B 106 0.75 -24.78 6.17
CA THR B 106 0.13 -26.08 5.95
C THR B 106 -0.97 -26.00 4.90
N ILE B 107 -1.70 -24.88 4.86
CA ILE B 107 -2.68 -24.67 3.79
C ILE B 107 -1.99 -24.73 2.43
N VAL B 108 -0.91 -23.98 2.27
CA VAL B 108 -0.25 -23.97 0.97
C VAL B 108 0.38 -25.32 0.69
N ALA B 109 0.90 -26.01 1.71
CA ALA B 109 1.46 -27.33 1.49
C ALA B 109 0.41 -28.32 1.02
N ASP B 110 -0.77 -28.29 1.64
CA ASP B 110 -1.84 -29.19 1.22
C ASP B 110 -2.32 -28.86 -0.19
N ASP B 111 -2.38 -27.58 -0.53
CA ASP B 111 -2.77 -27.19 -1.88
C ASP B 111 -1.80 -27.73 -2.91
N ALA B 112 -0.49 -27.62 -2.64
CA ALA B 112 0.51 -28.13 -3.56
C ALA B 112 0.44 -29.65 -3.67
N ALA B 113 -0.03 -30.33 -2.62
CA ALA B 113 -0.15 -31.78 -2.67
C ALA B 113 -1.27 -32.20 -3.61
N ALA B 114 -2.39 -31.46 -3.61
CA ALA B 114 -3.50 -31.80 -4.49
C ALA B 114 -3.11 -31.71 -5.96
N LEU B 115 -2.15 -30.84 -6.29
CA LEU B 115 -1.67 -30.74 -7.65
C LEU B 115 -0.76 -31.90 -8.04
N GLU B 116 -0.22 -32.62 -7.05
CA GLU B 116 0.65 -33.77 -7.29
C GLU B 116 1.96 -33.32 -7.94
N SER C 5 9.02 -0.89 11.14
CA SER C 5 9.43 -0.94 9.74
C SER C 5 10.72 -0.19 9.50
N ASP C 6 11.67 -0.97 8.98
CA ASP C 6 12.95 -0.47 8.54
C ASP C 6 12.84 0.35 7.25
N ALA C 7 11.64 0.50 6.71
CA ALA C 7 11.46 1.25 5.46
C ALA C 7 11.82 2.72 5.64
N ARG C 8 11.64 3.26 6.85
CA ARG C 8 12.03 4.63 7.12
C ARG C 8 13.54 4.80 7.23
N ASP C 9 14.29 3.69 7.30
CA ASP C 9 15.75 3.73 7.32
C ASP C 9 16.35 3.60 5.93
N LEU C 10 15.53 3.59 4.88
CA LEU C 10 16.04 3.44 3.53
C LEU C 10 16.87 4.66 3.12
N THR C 11 17.75 4.44 2.15
CA THR C 11 18.54 5.54 1.61
C THR C 11 17.70 6.35 0.63
N ALA C 12 18.21 7.53 0.28
CA ALA C 12 17.55 8.35 -0.73
C ALA C 12 17.46 7.60 -2.05
N PHE C 13 18.53 6.91 -2.43
CA PHE C 13 18.53 6.15 -3.68
C PHE C 13 17.44 5.09 -3.68
N GLN C 14 17.33 4.34 -2.58
CA GLN C 14 16.31 3.30 -2.50
C GLN C 14 14.91 3.89 -2.46
N LYS C 15 14.72 4.99 -1.73
CA LYS C 15 13.41 5.62 -1.69
C LYS C 15 12.99 6.12 -3.07
N ASN C 16 13.94 6.60 -3.86
CA ASN C 16 13.62 7.04 -5.21
C ASN C 16 13.22 5.87 -6.10
N ILE C 17 13.82 4.70 -5.89
CA ILE C 17 13.40 3.52 -6.63
C ILE C 17 11.93 3.21 -6.34
N LEU C 18 11.57 3.19 -5.05
CA LEU C 18 10.18 2.92 -4.70
C LEU C 18 9.24 3.96 -5.31
N THR C 19 9.65 5.23 -5.31
CA THR C 19 8.85 6.26 -5.97
C THR C 19 8.68 5.96 -7.44
N VAL C 20 9.76 5.56 -8.11
CA VAL C 20 9.70 5.18 -9.51
C VAL C 20 8.69 4.05 -9.70
N LEU C 21 8.83 2.98 -8.92
CA LEU C 21 7.92 1.84 -9.02
C LEU C 21 6.50 2.20 -8.63
N GLY C 22 6.31 3.22 -7.79
CA GLY C 22 4.97 3.67 -7.47
C GLY C 22 4.23 4.22 -8.67
N GLU C 23 4.97 4.81 -9.62
CA GLU C 23 4.37 5.23 -10.88
C GLU C 23 3.88 4.01 -11.67
N GLU C 24 4.79 3.07 -11.92
CA GLU C 24 4.43 1.82 -12.57
C GLU C 24 5.56 0.83 -12.41
N ALA C 25 5.22 -0.46 -12.41
CA ALA C 25 6.23 -1.50 -12.38
C ALA C 25 7.07 -1.44 -13.66
N ARG C 26 8.36 -1.74 -13.52
CA ARG C 26 9.30 -1.58 -14.61
C ARG C 26 10.40 -2.62 -14.52
N TYR C 27 11.09 -2.82 -15.63
CA TYR C 27 12.27 -3.67 -15.64
C TYR C 27 13.51 -2.84 -15.33
N GLY C 28 14.58 -3.54 -14.94
CA GLY C 28 15.78 -2.92 -14.41
C GLY C 28 16.23 -1.66 -15.11
N LEU C 29 16.67 -1.76 -16.36
CA LEU C 29 17.24 -0.61 -17.04
C LEU C 29 16.22 0.51 -17.23
N ALA C 30 14.92 0.20 -17.21
CA ALA C 30 13.92 1.26 -17.27
C ALA C 30 13.95 2.10 -16.00
N ILE C 31 14.15 1.45 -14.85
CA ILE C 31 14.33 2.18 -13.60
C ILE C 31 15.60 3.01 -13.66
N LYS C 32 16.68 2.42 -14.19
CA LYS C 32 17.93 3.14 -14.35
C LYS C 32 17.72 4.45 -15.09
N ARG C 33 16.99 4.40 -16.21
CA ARG C 33 16.79 5.60 -17.01
C ARG C 33 15.91 6.60 -16.29
N GLU C 34 14.85 6.14 -15.61
CA GLU C 34 14.01 7.03 -14.84
C GLU C 34 14.81 7.74 -13.75
N LEU C 35 15.56 6.97 -12.97
CA LEU C 35 16.45 7.58 -11.98
C LEU C 35 17.46 8.51 -12.64
N GLU C 36 17.92 8.14 -13.84
CA GLU C 36 18.90 8.98 -14.54
C GLU C 36 18.28 10.31 -14.93
N GLU C 37 17.00 10.33 -15.29
CA GLU C 37 16.32 11.58 -15.59
C GLU C 37 16.13 12.42 -14.33
N TYR C 38 15.95 11.76 -13.17
CA TYR C 38 15.81 12.50 -11.93
C TYR C 38 17.14 13.11 -11.50
N TYR C 39 18.20 12.31 -11.44
CA TYR C 39 19.49 12.77 -10.95
C TYR C 39 20.24 13.63 -11.96
N GLY C 40 19.80 13.66 -13.22
CA GLY C 40 20.54 14.40 -14.23
C GLY C 40 21.93 13.87 -14.48
N GLU C 41 22.16 12.59 -14.20
CA GLU C 41 23.49 12.00 -14.31
C GLU C 41 23.32 10.48 -14.41
N GLU C 42 24.27 9.83 -15.06
CA GLU C 42 24.17 8.38 -15.24
C GLU C 42 24.17 7.67 -13.90
N VAL C 43 23.41 6.59 -13.82
CA VAL C 43 23.31 5.75 -12.63
C VAL C 43 23.91 4.39 -12.98
N ASN C 44 25.00 4.03 -12.31
CA ASN C 44 25.66 2.75 -12.58
C ASN C 44 24.73 1.59 -12.25
N HIS C 45 24.69 0.59 -13.14
CA HIS C 45 23.85 -0.57 -12.91
C HIS C 45 24.39 -1.43 -11.78
N GLY C 46 25.70 -1.39 -11.54
CA GLY C 46 26.27 -2.08 -10.40
C GLY C 46 25.83 -1.52 -9.07
N ARG C 47 25.15 -0.37 -9.07
CA ARG C 47 24.51 0.19 -7.88
C ARG C 47 23.02 -0.09 -7.85
N LEU C 48 22.37 -0.12 -9.01
CA LEU C 48 20.93 -0.28 -9.05
C LEU C 48 20.51 -1.70 -8.68
N TYR C 49 21.19 -2.70 -9.22
CA TYR C 49 20.72 -4.07 -9.08
C TYR C 49 20.86 -4.56 -7.64
N PRO C 50 21.99 -4.31 -6.97
CA PRO C 50 22.07 -4.68 -5.55
C PRO C 50 21.05 -3.93 -4.69
N ASN C 51 20.67 -2.72 -5.09
CA ASN C 51 19.67 -1.98 -4.33
C ASN C 51 18.26 -2.53 -4.56
N LEU C 52 17.96 -2.93 -5.79
CA LEU C 52 16.71 -3.63 -6.05
C LEU C 52 16.66 -4.95 -5.30
N ASP C 53 17.76 -5.70 -5.34
CA ASP C 53 17.81 -6.97 -4.63
C ASP C 53 17.63 -6.77 -3.13
N ASP C 54 18.21 -5.69 -2.57
CA ASP C 54 18.03 -5.42 -1.15
C ASP C 54 16.61 -4.97 -0.85
N LEU C 55 15.96 -4.28 -1.79
CA LEU C 55 14.55 -3.93 -1.60
C LEU C 55 13.66 -5.16 -1.67
N VAL C 56 14.07 -6.19 -2.40
CA VAL C 56 13.30 -7.43 -2.47
C VAL C 56 13.36 -8.15 -1.13
N ASN C 57 14.56 -8.33 -0.59
CA ASN C 57 14.71 -9.06 0.66
C ASN C 57 14.01 -8.36 1.82
N LYS C 58 13.89 -7.03 1.76
CA LYS C 58 13.17 -6.31 2.79
C LYS C 58 11.67 -6.41 2.63
N GLY C 59 11.18 -7.08 1.58
CA GLY C 59 9.77 -7.25 1.36
C GLY C 59 9.08 -6.11 0.66
N LEU C 60 9.82 -5.13 0.14
CA LEU C 60 9.23 -3.95 -0.46
C LEU C 60 9.06 -4.05 -1.95
N VAL C 61 9.80 -4.94 -2.61
CA VAL C 61 9.73 -5.09 -4.07
C VAL C 61 9.66 -6.57 -4.39
N GLU C 62 8.91 -6.89 -5.45
CA GLU C 62 8.82 -8.25 -5.95
C GLU C 62 9.45 -8.32 -7.34
N LYS C 63 10.24 -9.36 -7.56
CA LYS C 63 10.97 -9.56 -8.80
C LYS C 63 10.34 -10.71 -9.58
N SER C 64 10.04 -10.47 -10.84
CA SER C 64 9.46 -11.48 -11.72
C SER C 64 10.23 -11.49 -13.04
N GLU C 65 10.15 -12.62 -13.74
CA GLU C 65 10.81 -12.77 -15.03
C GLU C 65 9.84 -12.34 -16.13
N LEU C 66 10.24 -11.33 -16.90
CA LEU C 66 9.55 -11.06 -18.17
C LEU C 66 10.04 -12.02 -19.25
N ASP C 67 11.35 -12.19 -19.34
CA ASP C 67 11.95 -13.28 -20.09
C ASP C 67 13.17 -13.75 -19.31
N LYS C 68 13.95 -14.66 -19.90
CA LYS C 68 15.07 -15.25 -19.18
C LYS C 68 16.22 -14.27 -18.95
N ARG C 69 16.19 -13.10 -19.58
CA ARG C 69 17.22 -12.08 -19.35
C ARG C 69 16.69 -10.81 -18.70
N THR C 70 15.37 -10.65 -18.59
CA THR C 70 14.76 -9.42 -18.13
C THR C 70 13.87 -9.69 -16.92
N ASN C 71 13.91 -8.79 -15.95
CA ASN C 71 13.11 -8.88 -14.74
C ASN C 71 12.16 -7.70 -14.69
N GLU C 72 10.95 -7.93 -14.18
CA GLU C 72 10.03 -6.84 -13.87
C GLU C 72 10.01 -6.62 -12.36
N TYR C 73 10.14 -5.37 -11.95
CA TYR C 73 10.16 -4.98 -10.55
C TYR C 73 8.89 -4.20 -10.22
N ALA C 74 8.21 -4.60 -9.16
CA ALA C 74 6.97 -3.97 -8.74
C ALA C 74 6.94 -3.84 -7.23
N LEU C 75 6.12 -2.91 -6.75
CA LEU C 75 5.93 -2.75 -5.32
C LEU C 75 5.07 -3.88 -4.77
N THR C 76 5.47 -4.42 -3.62
CA THR C 76 4.60 -5.29 -2.87
C THR C 76 3.56 -4.44 -2.12
N ASN C 77 2.60 -5.13 -1.50
CA ASN C 77 1.71 -4.46 -0.56
C ASN C 77 2.51 -3.67 0.46
N GLU C 78 3.64 -4.23 0.90
CA GLU C 78 4.47 -3.57 1.91
C GLU C 78 5.20 -2.37 1.32
N GLY C 79 5.71 -2.50 0.10
CA GLY C 79 6.38 -1.38 -0.53
C GLY C 79 5.44 -0.23 -0.81
N PHE C 80 4.20 -0.53 -1.21
CA PHE C 80 3.20 0.51 -1.40
C PHE C 80 2.94 1.24 -0.09
N ASP C 81 2.74 0.49 1.00
CA ASP C 81 2.54 1.12 2.30
C ASP C 81 3.73 2.01 2.66
N ALA C 82 4.95 1.60 2.28
CA ALA C 82 6.11 2.43 2.55
C ALA C 82 6.02 3.76 1.82
N VAL C 83 5.70 3.72 0.53
CA VAL C 83 5.58 4.96 -0.25
C VAL C 83 4.50 5.85 0.34
N VAL C 84 3.35 5.26 0.70
CA VAL C 84 2.25 6.05 1.25
C VAL C 84 2.67 6.67 2.58
N ASP C 85 3.20 5.84 3.49
CA ASP C 85 3.47 6.33 4.83
C ASP C 85 4.47 7.48 4.82
N ASP C 86 5.51 7.38 3.97
N ASP C 86 5.51 7.38 3.97
CA ASP C 86 6.45 8.49 3.87
CA ASP C 86 6.45 8.49 3.87
C ASP C 86 5.78 9.74 3.30
C ASP C 86 5.78 9.74 3.30
N LEU C 87 4.94 9.56 2.28
CA LEU C 87 4.19 10.70 1.75
C LEU C 87 3.31 11.30 2.84
N GLU C 88 2.69 10.45 3.68
CA GLU C 88 1.86 10.95 4.76
C GLU C 88 2.68 11.73 5.78
N TRP C 89 3.96 11.37 5.96
CA TRP C 89 4.79 12.08 6.93
C TRP C 89 5.22 13.45 6.40
N THR C 90 5.73 13.49 5.16
CA THR C 90 6.15 14.76 4.60
C THR C 90 4.99 15.75 4.56
N LEU C 91 3.80 15.28 4.18
CA LEU C 91 2.64 16.17 4.10
C LEU C 91 2.18 16.60 5.48
N SER C 92 2.24 15.70 6.47
CA SER C 92 1.87 16.08 7.83
C SER C 92 2.73 17.23 8.33
N LYS C 93 3.97 17.35 7.84
CA LYS C 93 4.81 18.47 8.22
C LYS C 93 4.67 19.65 7.24
N PHE C 94 4.45 19.38 5.96
CA PHE C 94 4.33 20.48 5.00
C PHE C 94 3.02 21.22 5.17
N VAL C 95 1.92 20.49 5.30
CA VAL C 95 0.60 21.11 5.44
C VAL C 95 0.47 21.68 6.85
N ALA C 96 1.04 22.86 7.07
CA ALA C 96 1.02 23.51 8.37
C ALA C 96 -0.02 24.61 8.49
N ASP C 97 -0.54 25.11 7.37
CA ASP C 97 -1.57 26.12 7.38
C ASP C 97 -2.38 25.99 6.09
N ALA C 98 -3.40 26.84 5.95
CA ALA C 98 -4.27 26.75 4.79
C ALA C 98 -3.53 27.03 3.50
N ASP C 99 -2.38 27.70 3.57
CA ASP C 99 -1.66 27.97 2.34
C ASP C 99 -0.94 26.72 1.88
N ARG C 100 -0.05 26.18 2.69
CA ARG C 100 0.61 24.91 2.39
C ARG C 100 -0.39 23.92 1.81
N ARG C 101 -1.56 23.82 2.44
CA ARG C 101 -2.60 22.96 1.89
C ARG C 101 -2.92 23.39 0.46
N GLU C 102 -3.36 24.64 0.28
CA GLU C 102 -3.76 25.10 -1.04
C GLU C 102 -2.65 24.88 -2.06
N ARG C 103 -1.40 25.17 -1.69
CA ARG C 103 -0.29 24.87 -2.58
C ARG C 103 -0.27 23.40 -2.96
N VAL C 104 -0.44 22.51 -1.98
CA VAL C 104 -0.45 21.08 -2.26
C VAL C 104 -1.63 20.72 -3.16
N GLU C 105 -2.77 21.38 -2.96
CA GLU C 105 -3.96 21.04 -3.73
C GLU C 105 -3.79 21.41 -5.21
N THR C 106 -3.09 22.52 -5.50
CA THR C 106 -2.82 22.85 -6.91
C THR C 106 -1.87 21.82 -7.52
N ILE C 107 -0.81 21.45 -6.80
CA ILE C 107 0.13 20.47 -7.31
C ILE C 107 -0.60 19.19 -7.71
N VAL C 108 -1.45 18.68 -6.81
CA VAL C 108 -2.19 17.46 -7.08
C VAL C 108 -3.15 17.66 -8.24
N ALA C 109 -3.85 18.80 -8.26
CA ALA C 109 -4.80 19.07 -9.33
C ALA C 109 -4.10 19.13 -10.69
N ASP C 110 -2.93 19.78 -10.75
CA ASP C 110 -2.21 19.87 -12.01
C ASP C 110 -1.69 18.52 -12.45
N ASP C 111 -1.14 17.73 -11.52
CA ASP C 111 -0.69 16.38 -11.87
C ASP C 111 -1.86 15.57 -12.44
N ALA C 112 -3.03 15.66 -11.81
CA ALA C 112 -4.18 14.90 -12.28
C ALA C 112 -4.61 15.34 -13.66
N ALA C 113 -4.60 16.65 -13.93
CA ALA C 113 -5.00 17.15 -15.24
C ALA C 113 -4.02 16.73 -16.33
N ALA C 114 -2.74 16.60 -15.98
CA ALA C 114 -1.74 16.19 -16.97
C ALA C 114 -1.93 14.76 -17.42
N LEU C 115 -2.60 13.93 -16.61
CA LEU C 115 -2.92 12.58 -17.05
C LEU C 115 -3.86 12.58 -18.25
N GLU C 116 -4.40 13.73 -18.63
CA GLU C 116 -5.22 13.88 -19.82
C GLU C 116 -6.38 12.89 -19.81
N ASP D 2 19.16 24.80 -10.10
CA ASP D 2 17.81 25.04 -9.61
C ASP D 2 17.54 24.24 -8.34
N ALA D 3 16.30 24.31 -7.86
CA ALA D 3 15.91 23.52 -6.69
C ALA D 3 16.07 22.03 -6.93
N ARG D 4 15.89 21.57 -8.18
CA ARG D 4 16.10 20.16 -8.48
C ARG D 4 17.53 19.74 -8.19
N SER D 5 18.50 20.57 -8.55
CA SER D 5 19.90 20.25 -8.30
C SER D 5 20.21 20.26 -6.80
N ASP D 6 19.51 21.11 -6.03
CA ASP D 6 19.74 21.17 -4.59
C ASP D 6 19.28 19.89 -3.91
N ALA D 7 18.03 19.48 -4.16
CA ALA D 7 17.41 18.41 -3.39
C ALA D 7 17.91 17.03 -3.81
N ARG D 8 18.15 16.83 -5.12
CA ARG D 8 18.27 15.48 -5.64
C ARG D 8 19.46 14.73 -5.05
N ASP D 9 20.49 15.42 -4.59
CA ASP D 9 21.69 14.77 -4.07
C ASP D 9 21.77 14.77 -2.55
N LEU D 10 20.79 15.34 -1.86
CA LEU D 10 20.78 15.27 -0.40
C LEU D 10 20.54 13.85 0.07
N THR D 11 21.04 13.54 1.26
CA THR D 11 20.82 12.24 1.86
C THR D 11 19.42 12.17 2.47
N ALA D 12 18.97 10.95 2.75
CA ALA D 12 17.66 10.76 3.38
C ALA D 12 17.62 11.48 4.73
N PHE D 13 18.72 11.42 5.49
CA PHE D 13 18.79 12.14 6.76
C PHE D 13 18.63 13.64 6.55
N GLN D 14 19.35 14.19 5.57
CA GLN D 14 19.29 15.63 5.32
C GLN D 14 17.91 16.04 4.83
N LYS D 15 17.30 15.24 3.96
CA LYS D 15 15.96 15.57 3.47
C LYS D 15 14.94 15.56 4.59
N ASN D 16 15.07 14.61 5.52
CA ASN D 16 14.16 14.59 6.67
C ASN D 16 14.33 15.83 7.54
N ILE D 17 15.56 16.34 7.65
CA ILE D 17 15.78 17.59 8.39
C ILE D 17 15.02 18.73 7.74
N LEU D 18 15.17 18.90 6.42
CA LEU D 18 14.44 19.94 5.71
C LEU D 18 12.94 19.77 5.89
N THR D 19 12.46 18.52 5.93
CA THR D 19 11.05 18.27 6.15
C THR D 19 10.63 18.72 7.54
N VAL D 20 11.45 18.42 8.55
CA VAL D 20 11.13 18.83 9.92
C VAL D 20 11.09 20.35 10.01
N LEU D 21 12.08 21.02 9.41
CA LEU D 21 12.10 22.48 9.44
C LEU D 21 10.99 23.09 8.61
N GLY D 22 10.43 22.34 7.65
CA GLY D 22 9.30 22.84 6.88
C GLY D 22 8.06 23.06 7.73
N GLU D 23 7.91 22.27 8.81
CA GLU D 23 6.82 22.51 9.75
C GLU D 23 7.05 23.80 10.52
N GLU D 24 8.23 23.95 11.10
CA GLU D 24 8.55 25.12 11.90
C GLU D 24 10.07 25.23 12.00
N ALA D 25 10.53 26.45 12.27
CA ALA D 25 11.91 26.65 12.71
C ALA D 25 12.07 26.08 14.11
N ARG D 26 13.17 25.37 14.34
CA ARG D 26 13.38 24.68 15.60
C ARG D 26 14.85 24.72 15.95
N TYR D 27 15.13 24.58 17.25
CA TYR D 27 16.51 24.49 17.71
C TYR D 27 16.99 23.05 17.61
N GLY D 28 18.29 22.88 17.82
CA GLY D 28 18.95 21.61 17.55
C GLY D 28 18.26 20.40 18.14
N LEU D 29 18.18 20.32 19.47
CA LEU D 29 17.62 19.14 20.10
C LEU D 29 16.14 18.95 19.77
N ALA D 30 15.45 20.01 19.38
CA ALA D 30 14.06 19.85 18.93
C ALA D 30 13.99 19.11 17.61
N ILE D 31 14.89 19.41 16.68
CA ILE D 31 14.98 18.65 15.45
C ILE D 31 15.27 17.18 15.76
N LYS D 32 16.26 16.95 16.63
CA LYS D 32 16.66 15.58 16.96
C LYS D 32 15.47 14.76 17.44
N ARG D 33 14.64 15.34 18.31
CA ARG D 33 13.50 14.61 18.83
C ARG D 33 12.45 14.37 17.75
N GLU D 34 12.25 15.34 16.86
CA GLU D 34 11.34 15.13 15.74
C GLU D 34 11.81 13.97 14.87
N LEU D 35 13.10 13.91 14.58
CA LEU D 35 13.65 12.82 13.78
C LEU D 35 13.55 11.50 14.54
N GLU D 36 13.75 11.54 15.85
CA GLU D 36 13.71 10.31 16.64
C GLU D 36 12.34 9.65 16.58
N GLU D 37 11.28 10.44 16.60
CA GLU D 37 9.95 9.85 16.50
C GLU D 37 9.64 9.40 15.08
N TYR D 38 10.23 10.05 14.07
CA TYR D 38 10.10 9.53 12.72
C TYR D 38 10.81 8.20 12.57
N TYR D 39 12.08 8.14 12.97
CA TYR D 39 12.86 6.91 12.82
C TYR D 39 12.47 5.84 13.83
N GLY D 40 11.90 6.22 14.97
CA GLY D 40 11.66 5.25 16.03
C GLY D 40 12.92 4.82 16.73
N GLU D 41 14.02 5.56 16.57
CA GLU D 41 15.28 5.23 17.20
C GLU D 41 15.92 6.53 17.70
N GLU D 42 16.94 6.37 18.54
CA GLU D 42 17.74 7.51 18.95
C GLU D 42 18.55 8.03 17.78
N VAL D 43 18.60 9.36 17.64
CA VAL D 43 19.41 10.01 16.63
C VAL D 43 20.60 10.65 17.33
N ASN D 44 21.81 10.21 16.99
CA ASN D 44 23.00 10.75 17.60
C ASN D 44 23.12 12.24 17.27
N HIS D 45 23.45 13.04 18.29
CA HIS D 45 23.64 14.47 18.05
C HIS D 45 24.93 14.74 17.30
N GLY D 46 25.94 13.87 17.46
CA GLY D 46 27.14 13.96 16.65
C GLY D 46 26.92 13.71 15.18
N ARG D 47 25.75 13.21 14.80
CA ARG D 47 25.35 13.10 13.41
C ARG D 47 24.49 14.27 12.94
N LEU D 48 23.64 14.80 13.82
CA LEU D 48 22.72 15.86 13.41
C LEU D 48 23.46 17.17 13.15
N TYR D 49 24.25 17.62 14.10
CA TYR D 49 24.86 18.94 14.00
C TYR D 49 25.75 19.09 12.76
N PRO D 50 26.69 18.17 12.49
CA PRO D 50 27.46 18.30 11.24
C PRO D 50 26.60 18.28 10.00
N ASN D 51 25.46 17.59 10.03
CA ASN D 51 24.55 17.61 8.89
C ASN D 51 23.78 18.93 8.82
N LEU D 52 23.37 19.46 9.97
CA LEU D 52 22.76 20.79 9.98
C LEU D 52 23.72 21.83 9.45
N ASP D 53 24.98 21.78 9.88
CA ASP D 53 25.98 22.72 9.38
C ASP D 53 26.23 22.51 7.90
N ASP D 54 26.19 21.27 7.42
CA ASP D 54 26.43 21.11 6.01
C ASP D 54 25.23 21.62 5.18
N LEU D 55 24.02 21.55 5.72
CA LEU D 55 22.91 22.20 4.99
C LEU D 55 23.05 23.72 5.01
N VAL D 56 23.51 24.28 6.13
CA VAL D 56 23.72 25.73 6.20
C VAL D 56 24.69 26.18 5.13
N ASN D 57 25.74 25.39 4.89
CA ASN D 57 26.78 25.81 3.95
C ASN D 57 26.28 25.79 2.53
N LYS D 58 25.30 24.93 2.24
CA LYS D 58 24.79 24.83 0.90
C LYS D 58 23.59 25.71 0.73
N GLY D 59 23.30 26.57 1.72
CA GLY D 59 22.35 27.63 1.57
C GLY D 59 20.90 27.23 1.72
N LEU D 60 20.61 26.04 2.24
CA LEU D 60 19.24 25.58 2.38
C LEU D 60 18.70 25.68 3.80
N VAL D 61 19.56 25.96 4.77
CA VAL D 61 19.16 26.13 6.16
C VAL D 61 19.86 27.38 6.71
N GLU D 62 19.20 28.04 7.64
CA GLU D 62 19.72 29.25 8.26
C GLU D 62 19.98 29.01 9.74
N LYS D 63 21.17 29.37 10.19
CA LYS D 63 21.58 29.19 11.59
C LYS D 63 21.60 30.55 12.27
N SER D 64 20.78 30.72 13.31
CA SER D 64 20.72 31.94 14.07
C SER D 64 20.70 31.60 15.56
N GLU D 65 21.12 32.56 16.37
CA GLU D 65 21.19 32.35 17.81
C GLU D 65 19.85 32.72 18.46
N LEU D 66 19.38 31.86 19.35
CA LEU D 66 18.25 32.14 20.22
C LEU D 66 18.69 32.49 21.63
N ASP D 67 19.70 31.78 22.15
CA ASP D 67 20.51 32.25 23.27
C ASP D 67 21.92 31.73 23.04
N LYS D 68 22.84 32.12 23.92
CA LYS D 68 24.26 31.83 23.69
C LYS D 68 24.62 30.36 23.91
N ARG D 69 23.65 29.50 24.22
CA ARG D 69 23.85 28.06 24.19
C ARG D 69 22.93 27.35 23.22
N THR D 70 21.96 28.06 22.65
CA THR D 70 20.94 27.44 21.81
C THR D 70 20.89 28.16 20.46
N ASN D 71 20.83 27.37 19.40
CA ASN D 71 20.72 27.87 18.03
C ASN D 71 19.33 27.53 17.53
N GLU D 72 18.78 28.41 16.70
CA GLU D 72 17.54 28.10 15.99
C GLU D 72 17.86 27.90 14.52
N TYR D 73 17.31 26.84 13.94
CA TYR D 73 17.53 26.49 12.54
C TYR D 73 16.23 26.63 11.79
N ALA D 74 16.27 27.33 10.65
CA ALA D 74 15.10 27.56 9.84
C ALA D 74 15.47 27.34 8.37
N LEU D 75 14.45 27.13 7.55
CA LEU D 75 14.66 26.96 6.13
C LEU D 75 14.91 28.31 5.47
N THR D 76 15.97 28.39 4.69
CA THR D 76 16.10 29.48 3.73
C THR D 76 15.03 29.31 2.65
N ASN D 77 14.94 30.30 1.76
CA ASN D 77 14.01 30.16 0.64
C ASN D 77 14.54 29.17 -0.39
N GLU D 78 15.87 29.11 -0.55
CA GLU D 78 16.47 28.04 -1.36
C GLU D 78 16.10 26.68 -0.81
N GLY D 79 16.10 26.54 0.53
CA GLY D 79 15.76 25.27 1.13
C GLY D 79 14.28 24.94 1.05
N PHE D 80 13.42 25.96 1.09
CA PHE D 80 11.99 25.71 0.94
C PHE D 80 11.67 25.19 -0.45
N ASP D 81 12.35 25.71 -1.48
CA ASP D 81 12.12 25.23 -2.83
C ASP D 81 12.61 23.80 -3.01
N ALA D 82 13.68 23.42 -2.31
CA ALA D 82 14.11 22.02 -2.31
C ALA D 82 13.02 21.13 -1.73
N VAL D 83 12.44 21.53 -0.60
CA VAL D 83 11.34 20.78 -0.02
C VAL D 83 10.19 20.65 -1.02
N VAL D 84 9.79 21.78 -1.61
CA VAL D 84 8.67 21.78 -2.55
C VAL D 84 9.01 20.93 -3.76
N ASP D 85 10.23 21.05 -4.28
CA ASP D 85 10.58 20.36 -5.52
C ASP D 85 10.45 18.84 -5.37
N ASP D 86 11.00 18.29 -4.29
CA ASP D 86 10.94 16.84 -4.11
C ASP D 86 9.56 16.37 -3.68
N LEU D 87 8.75 17.24 -3.07
CA LEU D 87 7.34 16.91 -2.88
C LEU D 87 6.62 16.83 -4.23
N GLU D 88 6.88 17.80 -5.11
CA GLU D 88 6.27 17.75 -6.43
C GLU D 88 6.70 16.51 -7.20
N TRP D 89 7.94 16.06 -7.00
CA TRP D 89 8.42 14.89 -7.73
C TRP D 89 7.72 13.62 -7.26
N THR D 90 7.66 13.42 -5.94
CA THR D 90 7.01 12.21 -5.41
C THR D 90 5.53 12.20 -5.78
N LEU D 91 4.88 13.36 -5.73
CA LEU D 91 3.48 13.44 -6.14
C LEU D 91 3.35 13.27 -7.65
N SER D 92 4.30 13.80 -8.42
CA SER D 92 4.29 13.59 -9.86
C SER D 92 4.25 12.10 -10.21
N LYS D 93 4.95 11.28 -9.43
CA LYS D 93 4.99 9.85 -9.66
C LYS D 93 3.88 9.10 -8.94
N PHE D 94 3.39 9.64 -7.83
CA PHE D 94 2.37 8.93 -7.06
C PHE D 94 0.99 9.11 -7.67
N VAL D 95 0.64 10.35 -8.03
CA VAL D 95 -0.68 10.63 -8.61
C VAL D 95 -0.71 10.12 -10.04
N ALA D 96 -0.87 8.80 -10.19
CA ALA D 96 -0.87 8.16 -11.49
C ALA D 96 -2.26 7.91 -12.05
N ASP D 97 -3.30 8.06 -11.23
CA ASP D 97 -4.67 7.85 -11.67
C ASP D 97 -5.61 8.53 -10.69
N ALA D 98 -6.91 8.51 -11.01
CA ALA D 98 -7.89 9.22 -10.18
C ALA D 98 -7.91 8.70 -8.76
N ASP D 99 -7.78 7.37 -8.58
CA ASP D 99 -7.82 6.81 -7.23
C ASP D 99 -6.63 7.26 -6.40
N ARG D 100 -5.45 7.35 -7.02
CA ARG D 100 -4.29 7.89 -6.31
C ARG D 100 -4.54 9.32 -5.88
N ARG D 101 -5.06 10.15 -6.79
CA ARG D 101 -5.37 11.52 -6.41
C ARG D 101 -6.28 11.54 -5.19
N GLU D 102 -7.39 10.79 -5.24
CA GLU D 102 -8.32 10.77 -4.12
C GLU D 102 -7.62 10.38 -2.83
N ARG D 103 -6.73 9.39 -2.89
CA ARG D 103 -5.98 9.00 -1.70
C ARG D 103 -5.18 10.18 -1.16
N VAL D 104 -4.46 10.89 -2.04
CA VAL D 104 -3.69 12.05 -1.60
C VAL D 104 -4.64 13.11 -1.04
N GLU D 105 -5.77 13.33 -1.70
CA GLU D 105 -6.74 14.30 -1.19
C GLU D 105 -7.25 13.89 0.18
N THR D 106 -7.46 12.59 0.41
CA THR D 106 -7.92 12.14 1.71
C THR D 106 -6.87 12.38 2.78
N ILE D 107 -5.59 12.16 2.45
CA ILE D 107 -4.53 12.43 3.41
C ILE D 107 -4.52 13.91 3.78
N VAL D 108 -4.52 14.78 2.77
CA VAL D 108 -4.41 16.21 3.02
C VAL D 108 -5.60 16.71 3.83
N ALA D 109 -6.80 16.20 3.54
CA ALA D 109 -7.98 16.61 4.29
C ALA D 109 -7.82 16.27 5.77
N ASP D 110 -7.29 15.08 6.07
CA ASP D 110 -7.07 14.71 7.46
C ASP D 110 -6.05 15.63 8.12
N ASP D 111 -4.98 15.96 7.42
CA ASP D 111 -3.99 16.88 7.96
C ASP D 111 -4.61 18.23 8.28
N ALA D 112 -5.42 18.76 7.37
CA ALA D 112 -6.08 20.03 7.62
C ALA D 112 -7.01 19.95 8.82
N ALA D 113 -7.76 18.86 8.94
CA ALA D 113 -8.63 18.67 10.10
C ALA D 113 -7.79 18.59 11.37
N ALA D 114 -6.60 17.99 11.29
CA ALA D 114 -5.75 17.88 12.46
C ALA D 114 -5.26 19.23 12.93
N LEU D 115 -5.09 20.20 12.04
CA LEU D 115 -4.60 21.46 12.56
C LEU D 115 -5.71 22.25 13.29
N GLU D 116 -6.96 22.07 12.89
CA GLU D 116 -8.06 22.75 13.62
C GLU D 116 -7.90 24.27 13.55
#